data_5KHK
#
_entry.id   5KHK
#
_cell.length_a   96.429
_cell.length_b   96.429
_cell.length_c   46.423
_cell.angle_alpha   90.000
_cell.angle_beta   90.000
_cell.angle_gamma   90.000
#
_symmetry.space_group_name_H-M   'P 4 21 2'
#
loop_
_entity.id
_entity.type
_entity.pdbx_description
1 polymer 'Potassium/sodium hyperpolarization-activated cyclic nucleotide-gated channel 2'
2 non-polymer "2-Aminopurine riboside-3',5'-cyclic monophosphate"
3 water water
#
_entity_poly.entity_id   1
_entity_poly.type   'polypeptide(L)'
_entity_poly.pdbx_seq_one_letter_code
;SNADSSRRQYQEKYKQVEQYMSFHKLPADFRQKIHDYYEHRYQGKMFDEDSILGELNGPLREEIVNFN(CSX)RKLVASM
PLFANADPNFVTAMLTKLKFEVFQPGDYIIREGTIGKKMYFIQHGVVSVLTKGNKEMKLSDGSYFGEICLLTRGRRTASV
RADTYCRLYSLSVDNFNEVLEEYPMMRRAFETVAIDRLDRIGKKNSIL
;
_entity_poly.pdbx_strand_id   A
#
# COMPACT_ATOMS: atom_id res chain seq x y z
N ASP A 4 -11.49 -17.95 17.38
CA ASP A 4 -11.60 -19.46 17.43
C ASP A 4 -11.07 -20.01 16.13
N SER A 5 -11.95 -20.30 15.17
CA SER A 5 -11.48 -20.75 13.87
C SER A 5 -10.47 -19.74 13.25
N SER A 6 -10.57 -18.44 13.60
CA SER A 6 -9.65 -17.39 13.10
C SER A 6 -8.29 -17.48 13.78
N ARG A 7 -8.25 -17.78 15.07
CA ARG A 7 -6.97 -17.96 15.72
C ARG A 7 -6.36 -19.34 15.37
N ARG A 8 -7.24 -20.32 15.16
CA ARG A 8 -6.77 -21.65 14.87
C ARG A 8 -6.20 -21.63 13.45
N GLN A 9 -6.84 -20.89 12.56
CA GLN A 9 -6.33 -20.74 11.21
C GLN A 9 -4.93 -20.14 11.17
N TYR A 10 -4.69 -19.07 11.95
CA TYR A 10 -3.37 -18.46 12.03
C TYR A 10 -2.33 -19.51 12.43
N GLN A 11 -2.62 -20.27 13.48
CA GLN A 11 -1.65 -21.22 13.98
C GLN A 11 -1.36 -22.28 12.97
N GLU A 12 -2.40 -22.80 12.37
CA GLU A 12 -2.28 -23.85 11.43
C GLU A 12 -1.54 -23.41 10.17
N LYS A 13 -1.93 -22.26 9.66
CA LYS A 13 -1.22 -21.67 8.52
C LYS A 13 0.23 -21.41 8.91
N TYR A 14 0.49 -20.88 10.09
CA TYR A 14 1.93 -20.63 10.43
C TYR A 14 2.74 -21.90 10.52
N LYS A 15 2.10 -22.96 11.00
CA LYS A 15 2.75 -24.29 11.08
C LYS A 15 3.22 -24.79 9.71
N GLN A 16 2.37 -24.60 8.73
CA GLN A 16 2.70 -24.96 7.35
C GLN A 16 3.83 -24.08 6.86
N VAL A 17 3.83 -22.81 7.23
CA VAL A 17 5.00 -21.98 6.90
C VAL A 17 6.29 -22.57 7.51
N GLU A 18 6.26 -22.97 8.79
CA GLU A 18 7.40 -23.56 9.48
C GLU A 18 7.92 -24.83 8.77
N GLN A 19 7.01 -25.63 8.27
CA GLN A 19 7.38 -26.90 7.62
C GLN A 19 7.97 -26.61 6.25
N TYR A 20 7.45 -25.57 5.59
CA TYR A 20 8.00 -25.14 4.32
C TYR A 20 9.43 -24.63 4.46
N MET A 21 9.68 -23.76 5.44
CA MET A 21 11.00 -23.25 5.76
C MET A 21 11.99 -24.32 6.19
N SER A 22 11.48 -25.27 6.93
CA SER A 22 12.25 -26.40 7.34
C SER A 22 12.63 -27.26 6.13
N PHE A 23 11.64 -27.60 5.30
CA PHE A 23 11.86 -28.28 4.06
C PHE A 23 12.91 -27.63 3.20
N HIS A 24 12.90 -26.30 3.11
CA HIS A 24 13.89 -25.62 2.27
C HIS A 24 15.12 -25.27 3.05
N LYS A 25 15.20 -25.68 4.30
CA LYS A 25 16.40 -25.44 5.07
C LYS A 25 16.79 -23.97 5.16
N LEU A 26 15.84 -23.07 5.38
CA LEU A 26 16.21 -21.66 5.62
C LEU A 26 16.95 -21.42 6.92
N PRO A 27 17.89 -20.47 6.94
CA PRO A 27 18.63 -20.23 8.17
C PRO A 27 17.76 -19.64 9.27
N ALA A 28 18.25 -19.79 10.51
CA ALA A 28 17.57 -19.30 11.71
C ALA A 28 17.19 -17.83 11.70
N ASP A 29 18.04 -16.95 11.22
CA ASP A 29 17.69 -15.52 11.14
C ASP A 29 16.58 -15.22 10.14
N PHE A 30 16.51 -16.04 9.11
CA PHE A 30 15.60 -15.78 8.03
C PHE A 30 14.26 -16.24 8.56
N ARG A 31 14.28 -17.37 9.26
CA ARG A 31 13.10 -17.90 9.89
C ARG A 31 12.48 -16.96 10.88
N GLN A 32 13.30 -16.35 11.73
CA GLN A 32 12.85 -15.32 12.67
C GLN A 32 12.26 -14.13 11.97
N LYS A 33 12.89 -13.72 10.88
CA LYS A 33 12.39 -12.61 10.14
C LYS A 33 10.98 -12.88 9.60
N ILE A 34 10.78 -14.10 9.10
CA ILE A 34 9.51 -14.49 8.52
C ILE A 34 8.46 -14.61 9.63
N HIS A 35 8.86 -15.12 10.78
CA HIS A 35 8.01 -15.18 11.94
C HIS A 35 7.50 -13.83 12.42
N ASP A 36 8.42 -12.89 12.48
CA ASP A 36 8.11 -11.49 12.83
C ASP A 36 7.18 -10.84 11.85
N TYR A 37 7.38 -11.08 10.59
CA TYR A 37 6.51 -10.52 9.61
C TYR A 37 5.10 -11.09 9.81
N TYR A 38 5.01 -12.39 9.98
CA TYR A 38 3.73 -13.02 10.22
C TYR A 38 2.95 -12.44 11.40
N GLU A 39 3.59 -12.36 12.55
CA GLU A 39 3.03 -11.61 13.69
C GLU A 39 2.52 -10.22 13.38
N HIS A 40 3.31 -9.41 12.70
CA HIS A 40 2.88 -8.08 12.32
C HIS A 40 1.78 -8.04 11.30
N ARG A 41 1.83 -8.91 10.31
CA ARG A 41 0.93 -8.89 9.23
C ARG A 41 -0.44 -9.44 9.65
N TYR A 42 -0.50 -10.47 10.50
CA TYR A 42 -1.77 -11.15 10.79
C TYR A 42 -2.23 -11.00 12.27
N GLN A 43 -1.29 -10.74 13.16
CA GLN A 43 -1.56 -10.44 14.58
C GLN A 43 -2.37 -11.56 15.25
N GLY A 44 -2.12 -12.81 14.84
CA GLY A 44 -2.71 -13.98 15.47
C GLY A 44 -4.01 -14.46 14.92
N LYS A 45 -4.51 -13.81 13.89
CA LYS A 45 -5.74 -14.22 13.30
C LYS A 45 -5.62 -14.26 11.79
N MET A 46 -6.36 -15.16 11.17
CA MET A 46 -6.49 -15.11 9.72
C MET A 46 -7.93 -15.24 9.27
N PHE A 47 -8.33 -14.31 8.39
CA PHE A 47 -9.64 -14.27 7.74
C PHE A 47 -9.48 -14.38 6.23
N ASP A 48 -10.38 -15.10 5.58
CA ASP A 48 -10.48 -15.06 4.12
C ASP A 48 -11.38 -13.87 3.80
N GLU A 49 -10.80 -12.67 3.86
CA GLU A 49 -11.62 -11.47 3.82
C GLU A 49 -12.42 -11.46 2.52
N ASP A 50 -11.90 -12.12 1.47
CA ASP A 50 -12.52 -12.16 0.16
C ASP A 50 -13.84 -12.85 0.24
N SER A 51 -13.75 -14.12 0.63
CA SER A 51 -14.90 -14.96 0.85
C SER A 51 -15.88 -14.25 1.76
N ILE A 52 -15.39 -13.67 2.84
CA ILE A 52 -16.29 -12.96 3.79
C ILE A 52 -17.06 -11.82 3.13
N LEU A 53 -16.32 -10.91 2.51
CA LEU A 53 -16.92 -9.77 1.85
C LEU A 53 -17.77 -10.19 0.65
N GLY A 54 -17.47 -11.34 0.07
CA GLY A 54 -18.17 -11.85 -1.06
C GLY A 54 -19.51 -12.44 -0.66
N GLU A 55 -19.67 -12.82 0.60
CA GLU A 55 -20.99 -13.19 1.12
C GLU A 55 -21.95 -12.01 1.36
N LEU A 56 -21.39 -10.80 1.47
CA LEU A 56 -22.19 -9.61 1.75
C LEU A 56 -22.64 -8.92 0.47
N ASN A 57 -23.17 -7.71 0.57
CA ASN A 57 -23.56 -6.99 -0.63
CA ASN A 57 -23.55 -6.99 -0.64
C ASN A 57 -22.68 -5.77 -0.86
N GLY A 58 -22.97 -5.00 -1.89
CA GLY A 58 -22.19 -3.81 -2.18
C GLY A 58 -22.23 -2.82 -1.04
N PRO A 59 -23.45 -2.46 -0.60
CA PRO A 59 -23.58 -1.47 0.44
C PRO A 59 -22.86 -1.84 1.78
N LEU A 60 -22.96 -3.09 2.25
CA LEU A 60 -22.28 -3.45 3.48
C LEU A 60 -20.79 -3.47 3.26
N ARG A 61 -20.30 -4.01 2.14
CA ARG A 61 -18.84 -3.95 1.87
C ARG A 61 -18.31 -2.52 1.96
N GLU A 62 -19.05 -1.61 1.33
CA GLU A 62 -18.63 -0.25 1.28
C GLU A 62 -18.67 0.38 2.66
N GLU A 63 -19.69 0.03 3.45
N GLU A 63 -19.69 0.05 3.46
CA GLU A 63 -19.81 0.55 4.81
CA GLU A 63 -19.76 0.55 4.84
C GLU A 63 -18.65 0.05 5.68
C GLU A 63 -18.58 0.06 5.66
N ILE A 64 -18.21 -1.18 5.44
CA ILE A 64 -17.16 -1.82 6.22
C ILE A 64 -15.79 -1.26 5.89
N VAL A 65 -15.52 -1.15 4.59
CA VAL A 65 -14.27 -0.56 4.17
CA VAL A 65 -14.28 -0.56 4.15
C VAL A 65 -14.15 0.90 4.66
N ASN A 66 -15.23 1.68 4.59
CA ASN A 66 -15.14 3.08 5.10
C ASN A 66 -14.85 3.13 6.58
N PHE A 67 -15.48 2.22 7.35
CA PHE A 67 -15.29 2.15 8.81
C PHE A 67 -13.85 1.80 9.10
N ASN A 68 -13.35 0.71 8.47
CA ASN A 68 -12.01 0.28 8.68
C ASN A 68 -10.98 1.32 8.32
N ARG A 70 -11.22 4.82 8.43
CA ARG A 70 -11.63 6.16 8.84
C ARG A 70 -10.43 7.07 9.08
N LYS A 71 -9.46 6.56 9.81
CA LYS A 71 -8.25 7.35 10.14
C LYS A 71 -7.39 7.60 8.91
N LEU A 72 -7.26 6.58 8.06
CA LEU A 72 -6.54 6.77 6.78
C LEU A 72 -7.17 7.84 5.93
N VAL A 73 -8.49 7.77 5.74
CA VAL A 73 -9.22 8.75 4.97
C VAL A 73 -9.15 10.16 5.57
N ALA A 74 -9.30 10.25 6.90
CA ALA A 74 -9.42 11.59 7.55
C ALA A 74 -8.06 12.26 7.68
N SER A 75 -6.96 11.48 7.72
CA SER A 75 -5.64 12.04 7.84
CA SER A 75 -5.61 12.01 7.84
C SER A 75 -4.98 12.40 6.52
N MET A 76 -5.62 12.08 5.40
CA MET A 76 -5.00 12.30 4.12
C MET A 76 -5.87 13.25 3.32
N PRO A 77 -5.43 14.50 3.18
CA PRO A 77 -6.30 15.50 2.57
C PRO A 77 -6.88 15.09 1.23
N LEU A 78 -6.11 14.35 0.43
CA LEU A 78 -6.63 13.91 -0.87
C LEU A 78 -7.89 13.13 -0.72
N PHE A 79 -7.95 12.21 0.25
CA PHE A 79 -9.19 11.47 0.51
C PHE A 79 -10.19 12.34 1.34
N ALA A 80 -9.71 13.00 2.36
CA ALA A 80 -10.60 13.77 3.27
C ALA A 80 -11.53 14.80 2.60
N ASN A 81 -11.03 15.49 1.58
CA ASN A 81 -11.75 16.53 0.87
C ASN A 81 -12.40 16.11 -0.41
N ALA A 82 -12.33 14.85 -0.77
CA ALA A 82 -12.89 14.45 -2.07
C ALA A 82 -14.30 13.92 -1.95
N ASP A 83 -14.91 13.66 -3.10
CA ASP A 83 -16.20 12.95 -3.27
C ASP A 83 -16.13 11.57 -2.56
N PRO A 84 -17.05 11.36 -1.60
CA PRO A 84 -17.11 10.08 -0.89
C PRO A 84 -17.24 8.85 -1.81
N ASN A 85 -17.82 8.99 -3.00
CA ASN A 85 -17.95 7.90 -3.93
C ASN A 85 -16.59 7.58 -4.53
N PHE A 86 -15.76 8.58 -4.72
CA PHE A 86 -14.44 8.34 -5.20
C PHE A 86 -13.64 7.62 -4.14
N VAL A 87 -13.67 8.16 -2.89
CA VAL A 87 -13.06 7.52 -1.74
C VAL A 87 -13.45 6.04 -1.67
N THR A 88 -14.74 5.75 -1.66
CA THR A 88 -15.17 4.39 -1.60
C THR A 88 -14.66 3.55 -2.70
N ALA A 89 -14.66 4.05 -3.93
CA ALA A 89 -14.13 3.29 -5.03
C ALA A 89 -12.62 2.96 -4.88
N MET A 90 -11.84 3.86 -4.30
CA MET A 90 -10.44 3.63 -4.03
C MET A 90 -10.33 2.56 -2.92
N LEU A 91 -11.02 2.78 -1.83
CA LEU A 91 -10.89 1.92 -0.65
C LEU A 91 -11.21 0.48 -0.93
N THR A 92 -12.22 0.21 -1.75
CA THR A 92 -12.66 -1.18 -1.95
C THR A 92 -11.60 -1.98 -2.72
N LYS A 93 -10.67 -1.31 -3.39
CA LYS A 93 -9.60 -1.95 -4.17
C LYS A 93 -8.23 -1.95 -3.48
N LEU A 94 -8.13 -1.41 -2.30
CA LEU A 94 -6.85 -1.35 -1.62
C LEU A 94 -6.51 -2.68 -1.00
N LYS A 95 -5.21 -3.01 -0.95
CA LYS A 95 -4.75 -4.26 -0.42
C LYS A 95 -3.75 -4.00 0.69
N PHE A 96 -3.95 -4.60 1.85
CA PHE A 96 -3.16 -4.36 2.96
C PHE A 96 -1.84 -5.11 2.80
N GLU A 97 -0.72 -4.48 3.12
CA GLU A 97 0.64 -5.08 2.98
C GLU A 97 1.49 -4.54 4.16
N VAL A 98 2.41 -5.34 4.66
CA VAL A 98 3.32 -4.97 5.73
C VAL A 98 4.73 -5.14 5.26
N PHE A 99 5.59 -4.15 5.52
CA PHE A 99 6.97 -4.20 5.17
C PHE A 99 7.83 -4.02 6.39
N GLN A 100 9.02 -4.62 6.36
CA GLN A 100 9.93 -4.61 7.44
C GLN A 100 11.06 -3.61 7.25
N PRO A 101 11.70 -3.13 8.35
CA PRO A 101 12.75 -2.12 8.19
C PRO A 101 13.89 -2.56 7.25
N GLY A 102 14.26 -1.70 6.31
CA GLY A 102 15.29 -1.99 5.35
C GLY A 102 14.73 -2.49 4.04
N ASP A 103 13.48 -2.97 4.05
CA ASP A 103 12.90 -3.47 2.81
C ASP A 103 12.85 -2.33 1.80
N TYR A 104 13.22 -2.66 0.58
CA TYR A 104 12.99 -1.81 -0.57
C TYR A 104 11.63 -2.12 -1.17
N ILE A 105 10.67 -1.26 -0.90
CA ILE A 105 9.32 -1.40 -1.42
C ILE A 105 9.33 -1.12 -2.90
N ILE A 106 10.00 -0.06 -3.30
CA ILE A 106 10.10 0.28 -4.71
C ILE A 106 11.60 0.47 -5.08
N ARG A 107 12.00 -0.05 -6.25
CA ARG A 107 13.35 0.23 -6.80
C ARG A 107 13.31 1.21 -7.97
N GLU A 108 14.16 2.23 -7.93
CA GLU A 108 14.32 3.17 -9.06
C GLU A 108 14.62 2.40 -10.36
N GLY A 109 14.13 2.93 -11.46
CA GLY A 109 14.40 2.39 -12.76
C GLY A 109 13.47 1.28 -13.17
N THR A 110 12.94 0.53 -12.19
CA THR A 110 12.05 -0.60 -12.52
C THR A 110 10.73 -0.05 -13.03
N ILE A 111 9.91 -0.95 -13.53
CA ILE A 111 8.56 -0.66 -14.03
C ILE A 111 7.58 -0.80 -12.88
N GLY A 112 6.68 0.16 -12.69
CA GLY A 112 5.81 0.18 -11.51
C GLY A 112 4.41 -0.32 -11.81
N LYS A 113 3.93 -1.28 -11.03
CA LYS A 113 2.60 -1.82 -11.15
C LYS A 113 1.66 -1.48 -9.95
N LYS A 114 2.11 -0.62 -9.01
CA LYS A 114 1.37 -0.32 -7.78
CA LYS A 114 1.29 -0.27 -7.83
C LYS A 114 1.74 1.03 -7.18
N MET A 115 0.83 1.66 -6.44
CA MET A 115 1.24 2.70 -5.53
C MET A 115 0.77 2.31 -4.12
N TYR A 116 1.17 3.09 -3.11
CA TYR A 116 1.04 2.70 -1.71
C TYR A 116 0.56 3.90 -0.89
N PHE A 117 -0.37 3.66 0.00
CA PHE A 117 -0.87 4.65 0.95
C PHE A 117 -0.39 4.20 2.29
N ILE A 118 0.24 5.12 3.02
CA ILE A 118 0.85 4.78 4.29
C ILE A 118 -0.18 4.86 5.42
N GLN A 119 -0.58 3.73 5.96
CA GLN A 119 -1.38 3.74 7.16
C GLN A 119 -0.50 4.08 8.36
N HIS A 120 0.60 3.38 8.54
CA HIS A 120 1.50 3.65 9.67
C HIS A 120 2.90 3.26 9.30
N GLY A 121 3.84 4.17 9.50
CA GLY A 121 5.23 3.88 9.30
C GLY A 121 5.94 5.04 8.64
N VAL A 122 7.26 4.92 8.58
CA VAL A 122 8.10 5.89 7.90
C VAL A 122 8.89 5.23 6.79
N VAL A 123 8.91 5.83 5.61
CA VAL A 123 9.73 5.37 4.53
C VAL A 123 10.62 6.51 4.09
N SER A 124 11.66 6.13 3.34
CA SER A 124 12.66 7.04 2.77
C SER A 124 12.69 6.97 1.28
N VAL A 125 12.42 8.11 0.66
CA VAL A 125 12.53 8.21 -0.77
C VAL A 125 14.01 8.52 -1.06
N LEU A 126 14.67 7.60 -1.77
CA LEU A 126 16.10 7.68 -2.06
C LEU A 126 16.30 7.88 -3.53
N THR A 127 17.31 8.68 -3.86
CA THR A 127 17.68 8.96 -5.25
C THR A 127 19.19 9.22 -5.42
N LYS A 128 19.72 8.83 -6.59
CA LYS A 128 21.11 9.13 -7.02
C LYS A 128 21.50 10.51 -6.52
N GLY A 129 20.88 11.56 -7.07
CA GLY A 129 20.96 12.92 -6.50
C GLY A 129 21.48 13.08 -5.07
N ASN A 130 20.85 12.42 -4.10
CA ASN A 130 21.23 12.53 -2.67
C ASN A 130 20.06 13.06 -1.85
N LYS A 131 19.04 13.51 -2.58
CA LYS A 131 17.75 13.84 -1.97
C LYS A 131 17.23 12.72 -1.06
N GLU A 132 17.04 13.05 0.21
CA GLU A 132 16.68 12.08 1.22
C GLU A 132 15.40 12.46 1.99
N MET A 133 14.22 12.21 1.42
CA MET A 133 13.00 12.72 2.03
C MET A 133 12.18 11.66 2.70
N LYS A 134 11.67 11.95 3.87
CA LYS A 134 10.86 10.97 4.57
C LYS A 134 9.37 11.13 4.23
N LEU A 135 8.62 10.04 4.30
CA LEU A 135 7.19 10.14 4.24
C LEU A 135 6.62 9.27 5.31
N SER A 136 5.47 9.68 5.83
CA SER A 136 4.94 9.02 6.98
C SER A 136 3.42 8.95 6.94
N ASP A 137 2.84 8.50 8.05
CA ASP A 137 1.39 8.31 8.15
C ASP A 137 0.65 9.42 7.50
N GLY A 138 -0.32 9.07 6.66
CA GLY A 138 -1.16 10.02 5.98
C GLY A 138 -0.74 10.40 4.59
N SER A 139 0.41 9.92 4.10
CA SER A 139 0.87 10.25 2.73
C SER A 139 0.83 9.01 1.84
N TYR A 140 1.24 9.17 0.59
CA TYR A 140 1.28 8.08 -0.35
C TYR A 140 2.49 8.27 -1.29
N PHE A 141 2.78 7.23 -2.05
CA PHE A 141 3.93 7.22 -2.91
C PHE A 141 3.80 6.14 -3.96
N GLY A 142 4.62 6.24 -4.99
CA GLY A 142 4.54 5.31 -6.06
C GLY A 142 3.56 5.74 -7.08
N GLU A 143 3.05 6.95 -6.95
CA GLU A 143 2.03 7.39 -7.90
C GLU A 143 2.62 7.93 -9.20
N ILE A 144 3.83 8.46 -9.15
CA ILE A 144 4.41 9.11 -10.33
C ILE A 144 4.45 8.13 -11.53
N CYS A 145 4.95 6.92 -11.32
CA CYS A 145 5.06 5.96 -12.44
C CYS A 145 3.71 5.49 -12.94
N LEU A 146 2.67 5.55 -12.10
CA LEU A 146 1.35 5.20 -12.58
C LEU A 146 0.76 6.26 -13.50
N LEU A 147 1.07 7.53 -13.24
CA LEU A 147 0.65 8.65 -14.09
C LEU A 147 1.41 8.78 -15.42
N THR A 148 2.71 8.52 -15.42
CA THR A 148 3.52 8.64 -16.62
C THR A 148 3.73 7.31 -17.28
N ARG A 149 3.58 6.23 -16.54
CA ARG A 149 3.89 4.89 -17.05
C ARG A 149 5.35 4.80 -17.49
N GLY A 150 6.19 5.61 -16.87
CA GLY A 150 7.62 5.54 -17.05
C GLY A 150 8.19 4.43 -16.16
N ARG A 151 9.38 4.68 -15.65
CA ARG A 151 10.02 3.86 -14.66
C ARG A 151 9.96 4.63 -13.34
N ARG A 152 10.17 3.92 -12.23
CA ARG A 152 10.13 4.56 -10.93
C ARG A 152 11.15 5.69 -10.87
N THR A 153 10.75 6.83 -10.30
CA THR A 153 11.59 8.01 -10.23
C THR A 153 12.54 7.98 -9.04
N ALA A 154 12.37 7.00 -8.18
CA ALA A 154 13.22 6.90 -7.02
C ALA A 154 13.05 5.54 -6.37
N SER A 155 13.86 5.26 -5.38
CA SER A 155 13.69 4.05 -4.63
C SER A 155 12.99 4.47 -3.34
N VAL A 156 12.16 3.59 -2.80
CA VAL A 156 11.56 3.86 -1.51
C VAL A 156 11.82 2.71 -0.55
N ARG A 157 12.33 3.06 0.62
CA ARG A 157 12.81 2.05 1.55
C ARG A 157 12.13 2.21 2.87
N ALA A 158 11.72 1.10 3.47
CA ALA A 158 11.12 1.11 4.78
C ALA A 158 12.12 1.42 5.90
N ASP A 159 11.82 2.42 6.75
CA ASP A 159 12.67 2.78 7.89
C ASP A 159 12.22 2.01 9.11
N THR A 160 10.91 1.92 9.29
CA THR A 160 10.30 1.14 10.34
C THR A 160 9.45 0.03 9.71
N TYR A 161 8.80 -0.73 10.57
CA TYR A 161 7.68 -1.58 10.13
C TYR A 161 6.65 -0.65 9.50
N CYS A 162 6.11 -1.04 8.37
CA CYS A 162 5.21 -0.20 7.65
C CYS A 162 3.94 -0.97 7.37
N ARG A 163 2.84 -0.40 7.76
CA ARG A 163 1.51 -0.86 7.38
C ARG A 163 1.04 -0.01 6.19
N LEU A 164 0.93 -0.63 5.01
CA LEU A 164 0.59 0.10 3.80
C LEU A 164 -0.69 -0.47 3.15
N TYR A 165 -1.34 0.33 2.31
CA TYR A 165 -2.41 -0.17 1.47
C TYR A 165 -1.99 0.12 0.05
N SER A 166 -1.93 -0.93 -0.78
CA SER A 166 -1.51 -0.79 -2.15
C SER A 166 -2.71 -0.78 -3.07
N LEU A 167 -2.50 -0.13 -4.19
CA LEU A 167 -3.48 0.00 -5.27
C LEU A 167 -2.79 -0.28 -6.62
N SER A 168 -3.33 -1.22 -7.38
CA SER A 168 -2.69 -1.69 -8.62
C SER A 168 -2.97 -0.69 -9.70
N VAL A 169 -2.15 -0.79 -10.76
CA VAL A 169 -2.17 0.19 -11.77
C VAL A 169 -3.49 0.10 -12.51
N ASP A 170 -3.99 -1.11 -12.69
CA ASP A 170 -5.28 -1.31 -13.32
C ASP A 170 -6.43 -0.66 -12.53
N ASN A 171 -6.47 -0.86 -11.22
CA ASN A 171 -7.55 -0.26 -10.40
C ASN A 171 -7.43 1.26 -10.32
N PHE A 172 -6.23 1.78 -10.14
CA PHE A 172 -5.95 3.21 -10.20
C PHE A 172 -6.60 3.74 -11.46
N ASN A 173 -6.33 3.12 -12.61
CA ASN A 173 -6.84 3.69 -13.87
C ASN A 173 -8.32 3.51 -13.99
N GLU A 174 -8.85 2.36 -13.59
CA GLU A 174 -10.29 2.21 -13.60
C GLU A 174 -10.98 3.27 -12.76
N VAL A 175 -10.37 3.66 -11.63
CA VAL A 175 -10.97 4.68 -10.75
C VAL A 175 -10.83 6.08 -11.33
N LEU A 176 -9.70 6.40 -11.94
CA LEU A 176 -9.56 7.70 -12.53
C LEU A 176 -10.40 7.86 -13.81
N GLU A 177 -10.78 6.75 -14.43
CA GLU A 177 -11.67 6.80 -15.59
C GLU A 177 -12.99 7.35 -15.11
N GLU A 178 -13.50 6.82 -14.01
CA GLU A 178 -14.77 7.26 -13.50
C GLU A 178 -14.73 8.65 -12.85
N TYR A 179 -13.54 9.10 -12.42
CA TYR A 179 -13.38 10.36 -11.67
C TYR A 179 -12.16 11.13 -12.12
N PRO A 180 -12.09 11.52 -13.41
CA PRO A 180 -10.88 12.07 -14.02
C PRO A 180 -10.50 13.42 -13.41
N MET A 181 -11.46 14.06 -12.79
CA MET A 181 -11.20 15.18 -11.91
C MET A 181 -10.01 14.95 -10.96
N MET A 182 -9.84 13.74 -10.42
CA MET A 182 -8.87 13.55 -9.32
C MET A 182 -7.47 13.23 -9.83
N ARG A 183 -7.37 12.86 -11.09
CA ARG A 183 -6.05 12.72 -11.66
C ARG A 183 -5.26 14.01 -11.45
N ARG A 184 -5.89 15.17 -11.63
CA ARG A 184 -5.18 16.45 -11.48
C ARG A 184 -4.62 16.60 -10.10
N ALA A 185 -5.37 16.17 -9.11
CA ALA A 185 -4.90 16.28 -7.74
C ALA A 185 -3.66 15.44 -7.52
N PHE A 186 -3.55 14.25 -8.12
CA PHE A 186 -2.28 13.51 -8.04
C PHE A 186 -1.10 14.20 -8.80
N GLU A 187 -1.39 14.75 -9.98
CA GLU A 187 -0.34 15.32 -10.84
C GLU A 187 0.34 16.53 -10.18
N THR A 188 -0.45 17.34 -9.48
CA THR A 188 0.08 18.55 -8.82
C THR A 188 1.11 18.25 -7.80
N VAL A 189 0.84 17.24 -6.98
CA VAL A 189 1.78 16.85 -5.95
C VAL A 189 2.95 16.18 -6.64
N ALA A 190 2.64 15.41 -7.69
CA ALA A 190 3.72 14.69 -8.39
C ALA A 190 4.72 15.68 -8.99
N ILE A 191 4.17 16.74 -9.57
CA ILE A 191 5.02 17.81 -10.09
C ILE A 191 5.82 18.45 -8.95
N ASP A 192 5.18 18.81 -7.84
CA ASP A 192 5.85 19.42 -6.69
C ASP A 192 7.03 18.62 -6.25
N ARG A 193 6.88 17.29 -6.32
CA ARG A 193 7.86 16.36 -5.77
C ARG A 193 9.00 16.19 -6.68
N LEU A 194 8.71 16.13 -7.98
CA LEU A 194 9.75 16.02 -8.99
C LEU A 194 10.57 17.30 -9.01
N ASP A 195 9.87 18.44 -8.89
CA ASP A 195 10.52 19.74 -8.84
C ASP A 195 11.63 19.76 -7.79
N ARG A 196 11.33 19.26 -6.58
CA ARG A 196 12.32 19.33 -5.51
C ARG A 196 13.31 18.15 -5.53
N ILE A 197 13.47 17.49 -6.69
CA ILE A 197 14.61 16.58 -6.94
C ILE A 197 15.19 16.81 -8.34
N GLY A 198 15.15 18.08 -8.79
CA GLY A 198 15.66 18.45 -10.12
C GLY A 198 15.18 17.59 -11.27
N LYS A 199 13.88 17.29 -11.30
CA LYS A 199 13.28 16.58 -12.43
C LYS A 199 12.18 17.47 -13.01
N LYS A 200 11.92 17.35 -14.33
CA LYS A 200 10.77 18.01 -14.99
C LYS A 200 10.22 17.07 -16.06
N ASN A 201 9.01 16.56 -15.85
CA ASN A 201 8.33 15.76 -16.85
C ASN A 201 7.18 16.53 -17.55
N SER A 202 7.29 16.64 -18.87
CA SER A 202 6.26 17.33 -19.66
C SER A 202 4.96 16.53 -19.72
N ILE A 203 5.01 15.26 -19.36
CA ILE A 203 3.81 14.42 -19.30
C ILE A 203 2.84 14.90 -18.21
N LEU A 204 3.33 15.66 -17.23
CA LEU A 204 2.46 16.39 -16.31
C LEU A 204 2.94 17.83 -16.30
#